data_1W05
#
_entry.id   1W05
#
_cell.length_a   101.770
_cell.length_b   101.770
_cell.length_c   115.680
_cell.angle_alpha   90.00
_cell.angle_beta   90.00
_cell.angle_gamma   120.00
#
_symmetry.space_group_name_H-M   'P 31 2 1'
#
loop_
_entity.id
_entity.type
_entity.pdbx_description
1 polymer 'ISOPENICILLIN N SYNTHETASE'
2 non-polymer DELTA-(L-ALPHA-AMINOADIPOYL)-L-CYSTEINYL-D-ALANINE
3 non-polymer 'FE (II) ION'
4 non-polymer 'SULFATE ION'
5 water water
#
_entity_poly.entity_id   1
_entity_poly.type   'polypeptide(L)'
_entity_poly.pdbx_seq_one_letter_code
;MGSVSKANVPKIDVSPLFGDDQAAKMRVAQQIDAASRDTGFFYAVNHGINVQRLSQKTKEFHMSITPEEKWDLAIRAYNK
EHQDQVRAGYYLSIPGKKAVESFCYLNPNFTPDHPRIQAKTPTHEVNVWPDETKHPGFQDFAEQYYWDVFGLSSALLKGY
ALALGKEENFFARHFKPDDTLASVVLIRYPYLDPYPEAAIKTAADGTKLSFEWHEDVSLITVLYQSNVQNLQVETAAGYQ
DIEADDTGYLINCGSYMAHLTNNYYKAPIHRVKWVNAERQSLPFFVNLGYDSVIDPFDPREPNGKSDREPLSYGDYLQNG
LVSLINKNGQT
;
_entity_poly.pdbx_strand_id   A
#
loop_
_chem_comp.id
_chem_comp.type
_chem_comp.name
_chem_comp.formula
FE2 non-polymer 'FE (II) ION' 'Fe 2'
SO4 non-polymer 'SULFATE ION' 'O4 S -2'
W05 non-polymer DELTA-(L-ALPHA-AMINOADIPOYL)-L-CYSTEINYL-D-ALANINE 'C12 H21 N3 O6 S'
#
# COMPACT_ATOMS: atom_id res chain seq x y z
N SER A 3 -24.46 15.28 -1.19
CA SER A 3 -23.71 16.40 -0.54
C SER A 3 -22.54 15.94 0.41
N VAL A 4 -21.58 15.16 -0.05
CA VAL A 4 -20.38 14.81 0.79
C VAL A 4 -19.23 15.83 0.77
N SER A 5 -18.57 16.11 1.91
CA SER A 5 -17.41 16.99 1.84
C SER A 5 -16.11 16.44 1.17
N LYS A 6 -15.28 17.34 0.62
CA LYS A 6 -13.87 17.08 0.31
C LYS A 6 -13.12 16.99 1.59
N ALA A 7 -12.12 16.13 1.64
CA ALA A 7 -11.25 15.90 2.78
C ALA A 7 -10.02 16.79 2.60
N ASN A 8 -9.50 17.31 3.69
CA ASN A 8 -8.23 18.01 3.68
C ASN A 8 -7.15 16.99 3.35
N VAL A 9 -6.61 17.08 2.15
CA VAL A 9 -5.51 16.20 1.75
C VAL A 9 -4.39 17.08 1.12
N PRO A 10 -3.54 17.63 1.99
CA PRO A 10 -2.61 18.62 1.50
C PRO A 10 -1.57 17.99 0.59
N LYS A 11 -1.04 18.82 -0.31
CA LYS A 11 0.05 18.43 -1.20
C LYS A 11 1.34 18.87 -0.59
N ILE A 12 2.21 17.95 -0.29
CA ILE A 12 3.42 18.28 0.36
C ILE A 12 4.58 17.92 -0.54
N ASP A 13 5.44 18.89 -0.73
CA ASP A 13 6.67 18.73 -1.50
C ASP A 13 7.64 17.99 -0.59
N VAL A 14 7.88 16.75 -0.91
CA VAL A 14 8.78 15.86 -0.16
C VAL A 14 10.22 15.87 -0.68
N SER A 15 10.49 16.66 -1.69
CA SER A 15 11.86 16.70 -2.25
C SER A 15 12.94 16.97 -1.22
N PRO A 16 12.74 17.82 -0.22
CA PRO A 16 13.80 17.97 0.77
C PRO A 16 14.17 16.73 1.53
N LEU A 17 13.34 15.70 1.59
CA LEU A 17 13.70 14.46 2.29
C LEU A 17 14.72 13.63 1.53
N PHE A 18 14.95 14.00 0.25
CA PHE A 18 16.03 13.32 -0.48
C PHE A 18 17.40 13.98 -0.27
N GLY A 19 17.43 15.20 0.26
CA GLY A 19 18.62 16.05 0.37
C GLY A 19 19.26 16.12 1.77
N ASP A 20 20.11 17.13 1.93
CA ASP A 20 20.78 17.35 3.21
C ASP A 20 20.52 18.68 3.85
N ASP A 21 19.41 19.33 3.54
CA ASP A 21 19.09 20.54 4.26
C ASP A 21 18.11 20.17 5.40
N GLN A 22 18.72 20.05 6.58
CA GLN A 22 18.05 19.71 7.85
C GLN A 22 16.84 20.58 8.20
N ALA A 23 16.94 21.89 8.09
CA ALA A 23 15.84 22.75 8.50
C ALA A 23 14.70 22.57 7.54
N ALA A 24 15.04 22.40 6.27
CA ALA A 24 14.01 22.19 5.23
C ALA A 24 13.31 20.86 5.45
N LYS A 25 14.06 19.90 5.99
CA LYS A 25 13.49 18.60 6.27
C LYS A 25 12.51 18.71 7.47
N MET A 26 12.87 19.54 8.48
CA MET A 26 11.98 19.77 9.58
C MET A 26 10.69 20.42 9.15
N ARG A 27 10.77 21.46 8.33
CA ARG A 27 9.54 22.04 7.78
C ARG A 27 8.66 21.06 7.01
N VAL A 28 9.24 20.06 6.35
CA VAL A 28 8.43 18.93 5.72
C VAL A 28 7.82 17.98 6.76
N ALA A 29 8.62 17.66 7.72
CA ALA A 29 8.19 16.87 8.84
C ALA A 29 7.03 17.55 9.56
N GLN A 30 7.06 18.87 9.76
CA GLN A 30 5.89 19.56 10.36
C GLN A 30 4.61 19.42 9.57
N GLN A 31 4.70 19.44 8.27
CA GLN A 31 3.50 19.20 7.38
C GLN A 31 2.97 17.78 7.46
N ILE A 32 3.84 16.81 7.57
CA ILE A 32 3.48 15.38 7.72
C ILE A 32 2.90 15.13 9.10
N ASP A 33 3.46 15.81 10.13
CA ASP A 33 2.88 15.72 11.46
C ASP A 33 1.45 16.25 11.42
N ALA A 34 1.23 17.43 10.80
CA ALA A 34 -0.08 18.03 10.72
C ALA A 34 -1.07 17.19 9.95
N ALA A 35 -0.72 16.71 8.76
CA ALA A 35 -1.65 15.84 8.05
C ALA A 35 -1.93 14.56 8.81
N SER A 36 -0.93 13.98 9.48
CA SER A 36 -1.06 12.65 10.14
C SER A 36 -2.05 12.74 11.34
N ARG A 37 -2.09 13.92 11.92
CA ARG A 37 -3.00 14.23 13.01
C ARG A 37 -4.34 14.79 12.60
N ASP A 38 -4.56 15.12 11.35
CA ASP A 38 -5.85 15.65 10.86
C ASP A 38 -6.62 14.53 10.21
N THR A 39 -6.77 14.47 8.88
CA THR A 39 -7.47 13.34 8.21
C THR A 39 -6.66 12.10 8.06
N GLY A 40 -5.35 12.28 8.07
CA GLY A 40 -4.42 11.19 8.09
C GLY A 40 -3.97 10.83 6.67
N PHE A 41 -4.37 11.66 5.72
CA PHE A 41 -3.90 11.57 4.34
C PHE A 41 -3.13 12.84 3.88
N PHE A 42 -2.22 12.60 2.95
CA PHE A 42 -1.64 13.69 2.15
C PHE A 42 -1.16 13.16 0.85
N TYR A 43 -1.01 14.03 -0.13
CA TYR A 43 -0.27 13.69 -1.36
C TYR A 43 1.14 14.20 -1.27
N ALA A 44 2.07 13.30 -1.53
CA ALA A 44 3.47 13.61 -1.74
C ALA A 44 3.62 14.04 -3.22
N VAL A 45 4.12 15.26 -3.44
CA VAL A 45 4.52 15.72 -4.74
C VAL A 45 6.02 16.01 -4.80
N ASN A 46 6.52 16.26 -5.99
CA ASN A 46 7.96 16.33 -6.27
C ASN A 46 8.69 15.10 -5.76
N HIS A 47 8.12 13.96 -6.07
CA HIS A 47 8.62 12.71 -5.59
C HIS A 47 9.59 12.06 -6.57
N GLY A 48 9.68 12.57 -7.79
CA GLY A 48 10.70 12.08 -8.70
C GLY A 48 10.44 10.72 -9.34
N ILE A 49 9.24 10.20 -9.19
CA ILE A 49 8.97 8.91 -9.84
C ILE A 49 8.33 9.09 -11.17
N ASN A 50 8.76 8.29 -12.16
CA ASN A 50 8.12 8.38 -13.48
C ASN A 50 6.84 7.61 -13.50
N VAL A 51 5.81 8.31 -13.15
CA VAL A 51 4.50 7.73 -12.83
C VAL A 51 3.55 7.59 -14.08
N GLN A 52 3.67 8.42 -15.13
CA GLN A 52 3.05 8.09 -16.42
C GLN A 52 3.55 6.74 -17.03
N ARG A 53 4.85 6.43 -16.93
CA ARG A 53 5.41 5.15 -17.37
C ARG A 53 4.86 3.98 -16.54
N LEU A 54 4.80 4.16 -15.23
CA LEU A 54 4.13 3.21 -14.34
C LEU A 54 2.67 2.90 -14.75
N SER A 55 1.95 3.96 -15.07
CA SER A 55 0.57 3.83 -15.56
C SER A 55 0.52 3.08 -16.88
N GLN A 56 1.35 3.49 -17.87
CA GLN A 56 1.34 2.93 -19.24
C GLN A 56 1.73 1.46 -19.17
N LYS A 57 2.83 1.12 -18.49
CA LYS A 57 3.32 -0.25 -18.48
C LYS A 57 2.38 -1.24 -17.79
N THR A 58 1.75 -0.76 -16.71
CA THR A 58 0.74 -1.45 -16.00
C THR A 58 -0.50 -1.68 -16.86
N LYS A 59 -0.93 -0.70 -17.64
CA LYS A 59 -2.07 -0.81 -18.57
C LYS A 59 -1.80 -1.84 -19.68
N GLU A 60 -0.59 -1.79 -20.22
CA GLU A 60 -0.09 -2.77 -21.13
C GLU A 60 -0.20 -4.19 -20.61
N PHE A 61 0.20 -4.42 -19.38
CA PHE A 61 0.18 -5.75 -18.78
C PHE A 61 -1.22 -6.22 -18.55
N HIS A 62 -1.99 -5.45 -17.78
CA HIS A 62 -3.37 -5.75 -17.47
C HIS A 62 -4.21 -6.07 -18.75
N MET A 63 -4.00 -5.34 -19.84
CA MET A 63 -4.83 -5.43 -21.02
C MET A 63 -4.36 -6.48 -22.02
N SER A 64 -3.13 -6.95 -21.90
CA SER A 64 -2.63 -8.03 -22.75
C SER A 64 -2.61 -9.47 -22.04
N ILE A 65 -2.81 -9.54 -20.73
CA ILE A 65 -2.70 -10.83 -20.07
C ILE A 65 -3.90 -11.72 -20.37
N THR A 66 -3.69 -13.00 -20.67
CA THR A 66 -4.79 -13.91 -21.10
C THR A 66 -5.19 -14.78 -19.96
N PRO A 67 -6.39 -15.38 -20.03
CA PRO A 67 -6.90 -16.28 -18.98
C PRO A 67 -5.97 -17.38 -18.71
N GLU A 68 -5.24 -17.82 -19.68
CA GLU A 68 -4.29 -18.93 -19.51
C GLU A 68 -3.13 -18.50 -18.58
N GLU A 69 -2.52 -17.37 -18.94
CA GLU A 69 -1.47 -16.70 -18.15
C GLU A 69 -1.91 -16.45 -16.71
N LYS A 70 -3.15 -16.00 -16.54
CA LYS A 70 -3.66 -15.73 -15.21
C LYS A 70 -3.74 -17.02 -14.38
N TRP A 71 -4.26 -18.13 -14.92
CA TRP A 71 -4.17 -19.38 -14.15
C TRP A 71 -2.71 -19.74 -13.78
N ASP A 72 -1.78 -19.47 -14.68
CA ASP A 72 -0.44 -19.96 -14.51
C ASP A 72 0.26 -19.12 -13.48
N LEU A 73 -0.26 -17.93 -13.20
CA LEU A 73 0.35 -17.01 -12.27
C LEU A 73 -0.43 -16.95 -10.97
N ALA A 74 -1.56 -17.69 -10.87
CA ALA A 74 -2.57 -17.43 -9.79
C ALA A 74 -2.10 -17.83 -8.44
N ILE A 75 -2.52 -17.05 -7.44
CA ILE A 75 -2.36 -17.42 -6.03
C ILE A 75 -3.21 -18.66 -5.67
N ARG A 76 -2.83 -19.32 -4.56
CA ARG A 76 -3.44 -20.50 -3.95
C ARG A 76 -5.00 -20.35 -3.84
N ALA A 77 -5.49 -19.14 -3.57
CA ALA A 77 -6.97 -19.02 -3.43
C ALA A 77 -7.72 -19.32 -4.72
N TYR A 78 -7.10 -19.05 -5.88
CA TYR A 78 -7.67 -19.30 -7.19
C TYR A 78 -7.12 -20.61 -7.90
N ASN A 79 -6.00 -21.15 -7.46
CA ASN A 79 -5.37 -22.32 -8.07
C ASN A 79 -4.71 -23.14 -6.95
N LYS A 80 -5.30 -24.28 -6.57
CA LYS A 80 -4.74 -25.15 -5.50
C LYS A 80 -3.33 -25.71 -5.73
N GLU A 81 -2.89 -25.75 -6.96
CA GLU A 81 -1.59 -26.30 -7.32
C GLU A 81 -0.51 -25.39 -6.76
N HIS A 82 -0.87 -24.16 -6.37
CA HIS A 82 0.08 -23.07 -6.20
C HIS A 82 0.17 -22.75 -4.69
N GLN A 83 0.46 -23.78 -3.90
CA GLN A 83 0.43 -23.75 -2.42
C GLN A 83 1.34 -22.69 -1.76
N ASP A 84 2.52 -22.48 -2.30
CA ASP A 84 3.41 -21.41 -1.79
C ASP A 84 3.01 -19.97 -2.01
N GLN A 85 2.04 -19.74 -2.93
CA GLN A 85 1.72 -18.39 -3.33
C GLN A 85 0.53 -17.95 -2.54
N VAL A 86 0.73 -17.45 -1.33
CA VAL A 86 -0.40 -16.79 -0.60
C VAL A 86 -0.56 -15.31 -0.85
N ARG A 87 0.54 -14.71 -1.31
CA ARG A 87 0.65 -13.26 -1.38
C ARG A 87 0.91 -12.82 -2.85
N ALA A 88 2.00 -13.37 -3.45
CA ALA A 88 2.51 -13.01 -4.80
C ALA A 88 1.84 -13.81 -5.93
N GLY A 89 1.36 -13.11 -6.98
CA GLY A 89 0.81 -13.71 -8.15
C GLY A 89 -0.42 -12.96 -8.57
N TYR A 90 -1.23 -13.65 -9.38
CA TYR A 90 -2.45 -13.09 -9.91
C TYR A 90 -3.67 -13.39 -9.07
N TYR A 91 -4.52 -12.37 -8.93
CA TYR A 91 -5.73 -12.45 -8.18
C TYR A 91 -6.82 -12.27 -9.26
N LEU A 92 -7.56 -13.34 -9.60
CA LEU A 92 -8.47 -13.26 -10.73
C LEU A 92 -9.83 -12.65 -10.53
N SER A 93 -10.28 -12.00 -11.56
CA SER A 93 -11.71 -11.74 -11.89
C SER A 93 -12.58 -12.91 -11.83
N ILE A 94 -13.85 -12.67 -11.55
CA ILE A 94 -14.85 -13.70 -11.81
C ILE A 94 -16.00 -13.02 -12.54
N PRO A 95 -15.98 -13.06 -13.88
CA PRO A 95 -17.04 -12.39 -14.67
C PRO A 95 -18.41 -12.79 -14.16
N GLY A 96 -19.26 -11.77 -14.02
CA GLY A 96 -20.57 -11.92 -13.40
C GLY A 96 -20.57 -11.76 -11.88
N LYS A 97 -19.42 -11.75 -11.25
CA LYS A 97 -19.45 -11.74 -9.77
C LYS A 97 -18.48 -10.79 -9.15
N LYS A 98 -17.22 -10.79 -9.63
CA LYS A 98 -16.14 -10.06 -9.04
C LYS A 98 -15.43 -9.35 -10.16
N ALA A 99 -15.40 -8.02 -10.01
CA ALA A 99 -14.83 -7.14 -11.01
C ALA A 99 -13.33 -6.90 -10.85
N VAL A 100 -12.88 -6.62 -9.63
CA VAL A 100 -11.47 -6.30 -9.50
C VAL A 100 -10.56 -7.52 -9.86
N GLU A 101 -9.36 -7.24 -10.32
CA GLU A 101 -8.29 -8.24 -10.44
C GLU A 101 -6.98 -7.49 -10.29
N SER A 102 -5.91 -8.25 -10.06
CA SER A 102 -4.64 -7.67 -9.67
C SER A 102 -3.45 -8.65 -9.72
N PHE A 103 -2.28 -8.02 -9.61
CA PHE A 103 -1.03 -8.77 -9.61
C PHE A 103 -0.21 -8.17 -8.47
N CYS A 104 0.25 -9.03 -7.54
CA CYS A 104 1.02 -8.66 -6.39
C CYS A 104 2.41 -9.21 -6.57
N TYR A 105 3.41 -8.42 -6.31
CA TYR A 105 4.76 -8.94 -6.14
C TYR A 105 5.49 -8.35 -4.95
N LEU A 106 6.42 -9.12 -4.42
CA LEU A 106 7.27 -8.86 -3.28
C LEU A 106 8.69 -8.39 -3.64
N ASN A 107 9.45 -8.16 -2.59
CA ASN A 107 10.86 -8.03 -2.71
C ASN A 107 11.51 -8.90 -3.80
N PRO A 108 12.08 -8.30 -4.80
CA PRO A 108 12.87 -9.03 -5.77
C PRO A 108 14.10 -9.74 -5.28
N ASN A 109 14.62 -9.38 -4.11
CA ASN A 109 15.82 -10.09 -3.60
C ASN A 109 15.46 -11.45 -2.94
N PHE A 110 14.15 -11.73 -2.78
CA PHE A 110 13.68 -13.07 -2.42
C PHE A 110 13.82 -14.02 -3.66
N THR A 111 14.97 -14.67 -3.77
CA THR A 111 15.26 -15.68 -4.78
C THR A 111 15.36 -17.04 -4.06
N PRO A 112 15.37 -18.20 -4.71
CA PRO A 112 15.60 -19.47 -3.95
C PRO A 112 16.76 -19.49 -2.96
N ASP A 113 17.81 -18.68 -3.17
CA ASP A 113 18.99 -18.66 -2.30
C ASP A 113 18.90 -17.66 -1.12
N HIS A 114 17.84 -16.87 -1.02
CA HIS A 114 17.73 -15.92 0.13
C HIS A 114 17.42 -16.72 1.42
N PRO A 115 18.08 -16.37 2.53
CA PRO A 115 18.02 -17.26 3.70
C PRO A 115 16.60 -17.46 4.24
N ARG A 116 15.75 -16.56 3.86
CA ARG A 116 14.43 -16.52 4.40
C ARG A 116 13.53 -17.42 3.59
N ILE A 117 13.75 -17.52 2.28
CA ILE A 117 13.05 -18.56 1.57
C ILE A 117 13.69 -19.98 1.64
N GLN A 118 14.98 -20.11 1.97
CA GLN A 118 15.61 -21.41 2.32
C GLN A 118 14.99 -21.97 3.62
N ALA A 119 14.82 -21.11 4.62
CA ALA A 119 14.21 -21.46 5.91
C ALA A 119 12.64 -21.49 5.84
N LYS A 120 12.04 -21.18 4.69
CA LYS A 120 10.58 -21.25 4.54
C LYS A 120 9.79 -20.34 5.53
N THR A 121 10.43 -19.25 5.95
CA THR A 121 9.79 -18.27 6.79
C THR A 121 8.53 -17.75 6.13
N PRO A 122 7.46 -17.77 6.87
CA PRO A 122 6.24 -17.23 6.36
C PRO A 122 6.35 -15.80 5.93
N THR A 123 5.43 -15.45 5.04
CA THR A 123 5.23 -14.15 4.37
C THR A 123 6.27 -13.87 3.30
N HIS A 124 7.23 -14.75 3.15
CA HIS A 124 8.35 -14.59 2.23
C HIS A 124 8.06 -15.57 1.09
N GLU A 125 8.06 -15.05 -0.13
CA GLU A 125 7.82 -15.83 -1.36
C GLU A 125 8.72 -15.37 -2.50
N VAL A 126 8.92 -16.22 -3.46
CA VAL A 126 9.63 -15.89 -4.68
C VAL A 126 8.56 -15.43 -5.68
N ASN A 127 8.77 -14.23 -6.25
CA ASN A 127 7.84 -13.64 -7.24
C ASN A 127 7.67 -14.60 -8.42
N VAL A 128 6.45 -14.66 -8.92
CA VAL A 128 6.17 -15.32 -10.19
C VAL A 128 5.95 -14.26 -11.22
N TRP A 129 6.27 -14.60 -12.45
CA TRP A 129 6.29 -13.66 -13.56
C TRP A 129 5.76 -14.29 -14.84
N PRO A 130 5.20 -13.48 -15.68
CA PRO A 130 4.74 -13.95 -16.95
C PRO A 130 5.92 -14.25 -17.88
N ASP A 131 5.63 -14.91 -18.99
CA ASP A 131 6.63 -15.26 -19.95
C ASP A 131 7.19 -13.93 -20.54
N GLU A 132 8.53 -13.81 -20.57
CA GLU A 132 9.19 -12.59 -21.08
C GLU A 132 8.75 -12.16 -22.49
N THR A 133 8.57 -13.11 -23.41
CA THR A 133 8.25 -12.74 -24.76
C THR A 133 6.80 -12.45 -24.90
N LYS A 134 5.93 -12.82 -23.96
CA LYS A 134 4.53 -12.35 -24.09
C LYS A 134 4.38 -10.96 -23.48
N HIS A 135 5.28 -10.60 -22.55
CA HIS A 135 5.22 -9.31 -21.84
C HIS A 135 6.65 -8.65 -21.82
N PRO A 136 7.15 -8.23 -23.00
CA PRO A 136 8.53 -7.78 -23.11
C PRO A 136 8.80 -6.57 -22.19
N GLY A 137 9.79 -6.68 -21.28
CA GLY A 137 10.22 -5.60 -20.46
C GLY A 137 9.47 -5.50 -19.17
N PHE A 138 8.38 -6.25 -19.01
CA PHE A 138 7.55 -6.12 -17.79
C PHE A 138 8.25 -6.45 -16.46
N GLN A 139 8.84 -7.63 -16.31
CA GLN A 139 9.58 -7.96 -15.10
C GLN A 139 10.65 -6.85 -14.79
N ASP A 140 11.47 -6.46 -15.77
CA ASP A 140 12.49 -5.45 -15.55
C ASP A 140 11.87 -4.16 -15.10
N PHE A 141 10.81 -3.75 -15.74
CA PHE A 141 10.09 -2.54 -15.33
C PHE A 141 9.60 -2.66 -13.88
N ALA A 142 8.99 -3.79 -13.54
CA ALA A 142 8.28 -3.92 -12.28
C ALA A 142 9.24 -3.92 -11.07
N GLU A 143 10.40 -4.55 -11.29
CA GLU A 143 11.45 -4.68 -10.29
C GLU A 143 12.04 -3.33 -9.96
N GLN A 144 12.36 -2.60 -11.00
CA GLN A 144 12.90 -1.24 -10.89
C GLN A 144 11.83 -0.31 -10.25
N TYR A 145 10.55 -0.45 -10.60
CA TYR A 145 9.53 0.31 -9.91
C TYR A 145 9.59 -0.01 -8.41
N TYR A 146 9.72 -1.28 -8.05
CA TYR A 146 9.80 -1.62 -6.67
C TYR A 146 10.92 -0.79 -6.02
N TRP A 147 12.12 -0.69 -6.65
CA TRP A 147 13.21 0.09 -6.05
C TRP A 147 13.00 1.63 -6.07
N ASP A 148 12.28 2.10 -7.06
CA ASP A 148 11.94 3.51 -7.10
C ASP A 148 10.99 3.91 -5.97
N VAL A 149 9.87 3.20 -5.79
CA VAL A 149 8.99 3.53 -4.68
C VAL A 149 9.64 3.19 -3.34
N PHE A 150 10.51 2.21 -3.28
CA PHE A 150 11.19 1.88 -2.02
C PHE A 150 11.98 3.11 -1.58
N GLY A 151 12.69 3.69 -2.55
CA GLY A 151 13.45 4.96 -2.38
C GLY A 151 12.56 6.15 -1.93
N LEU A 152 11.39 6.29 -2.53
CA LEU A 152 10.48 7.30 -2.10
C LEU A 152 10.06 7.07 -0.64
N SER A 153 9.58 5.85 -0.38
CA SER A 153 9.06 5.42 0.94
C SER A 153 10.13 5.58 2.05
N SER A 154 11.35 5.30 1.66
CA SER A 154 12.45 5.52 2.54
C SER A 154 12.64 7.00 2.98
N ALA A 155 12.40 7.87 2.03
CA ALA A 155 12.48 9.30 2.24
C ALA A 155 11.26 9.77 3.07
N LEU A 156 10.09 9.19 2.83
CA LEU A 156 8.93 9.60 3.57
C LEU A 156 9.10 9.21 5.01
N LEU A 157 9.81 8.10 5.23
CA LEU A 157 9.85 7.55 6.55
C LEU A 157 10.83 8.39 7.40
N LYS A 158 11.77 9.01 6.74
CA LYS A 158 12.61 10.00 7.42
C LYS A 158 11.80 11.20 7.86
N GLY A 159 10.81 11.56 7.09
CA GLY A 159 9.90 12.63 7.48
C GLY A 159 9.00 12.28 8.64
N TYR A 160 8.47 11.05 8.62
CA TYR A 160 7.68 10.57 9.74
C TYR A 160 8.54 10.54 11.02
N ALA A 161 9.77 10.13 10.89
CA ALA A 161 10.59 10.03 12.08
C ALA A 161 10.87 11.39 12.68
N LEU A 162 11.17 12.34 11.81
CA LEU A 162 11.47 13.73 12.27
C LEU A 162 10.21 14.32 12.80
N ALA A 163 9.09 14.02 12.16
CA ALA A 163 7.80 14.54 12.61
C ALA A 163 7.52 14.18 14.06
N LEU A 164 7.89 12.96 14.44
CA LEU A 164 7.68 12.40 15.73
C LEU A 164 8.77 12.71 16.69
N GLY A 165 9.70 13.59 16.39
CA GLY A 165 10.69 13.98 17.42
C GLY A 165 11.87 13.06 17.48
N LYS A 166 11.95 12.10 16.56
CA LYS A 166 13.07 11.15 16.53
C LYS A 166 14.18 11.56 15.57
N GLU A 167 15.34 10.91 15.69
CA GLU A 167 16.33 10.94 14.62
C GLU A 167 15.80 10.34 13.33
N GLU A 168 16.34 10.85 12.23
CA GLU A 168 15.63 10.72 10.94
C GLU A 168 15.57 9.26 10.42
N ASN A 169 16.55 8.43 10.83
CA ASN A 169 16.68 7.01 10.45
C ASN A 169 15.93 6.03 11.35
N PHE A 170 15.04 6.53 12.20
CA PHE A 170 14.40 5.76 13.20
C PHE A 170 13.57 4.61 12.63
N PHE A 171 12.73 4.86 11.64
CA PHE A 171 12.10 3.79 10.87
C PHE A 171 12.93 3.27 9.70
N ALA A 172 13.56 4.20 9.02
CA ALA A 172 14.20 3.88 7.72
C ALA A 172 15.33 2.84 7.89
N ARG A 173 16.07 2.86 9.00
CA ARG A 173 17.11 1.86 9.26
C ARG A 173 16.59 0.40 9.35
N HIS A 174 15.30 0.22 9.56
CA HIS A 174 14.68 -1.11 9.54
C HIS A 174 13.93 -1.47 8.27
N PHE A 175 14.05 -0.60 7.26
CA PHE A 175 13.40 -0.73 5.99
C PHE A 175 14.52 -0.92 5.02
N LYS A 176 14.86 -2.19 4.70
CA LYS A 176 16.07 -2.54 4.00
C LYS A 176 15.80 -3.40 2.79
N PRO A 177 16.55 -3.22 1.71
CA PRO A 177 16.32 -4.00 0.49
C PRO A 177 16.45 -5.52 0.67
N ASP A 178 17.22 -5.94 1.67
CA ASP A 178 17.52 -7.36 1.84
C ASP A 178 16.43 -8.19 2.52
N ASP A 179 15.56 -7.51 3.28
CA ASP A 179 14.58 -8.22 4.10
C ASP A 179 13.16 -7.60 4.11
N THR A 180 12.93 -6.48 3.42
CA THR A 180 11.65 -5.84 3.53
C THR A 180 10.55 -6.71 2.95
N LEU A 181 9.41 -6.68 3.62
CA LEU A 181 8.27 -7.48 3.29
C LEU A 181 7.27 -6.57 2.56
N ALA A 182 7.75 -5.44 2.10
CA ALA A 182 6.93 -4.55 1.27
C ALA A 182 6.41 -5.23 0.01
N SER A 183 5.24 -4.77 -0.43
CA SER A 183 4.68 -5.27 -1.65
C SER A 183 4.16 -4.19 -2.55
N VAL A 184 4.20 -4.43 -3.86
CA VAL A 184 3.48 -3.65 -4.87
C VAL A 184 2.26 -4.49 -5.30
N VAL A 185 1.12 -3.86 -5.46
CA VAL A 185 -0.02 -4.52 -6.06
C VAL A 185 -0.51 -3.68 -7.24
N LEU A 186 -0.69 -4.31 -8.39
CA LEU A 186 -1.12 -3.65 -9.57
C LEU A 186 -2.62 -3.98 -9.70
N ILE A 187 -3.47 -3.06 -9.23
CA ILE A 187 -4.89 -3.35 -9.25
C ILE A 187 -5.64 -2.76 -10.46
N ARG A 188 -6.42 -3.62 -11.14
CA ARG A 188 -7.35 -3.16 -12.15
C ARG A 188 -8.80 -3.09 -11.66
N TYR A 189 -9.42 -1.92 -11.72
CA TYR A 189 -10.84 -1.81 -11.39
C TYR A 189 -11.52 -1.45 -12.74
N PRO A 190 -12.18 -2.42 -13.36
CA PRO A 190 -12.62 -2.26 -14.77
C PRO A 190 -13.91 -1.49 -14.95
N TYR A 191 -14.12 -1.01 -16.14
CA TYR A 191 -15.45 -0.69 -16.63
C TYR A 191 -16.16 -1.92 -17.10
N LEU A 192 -17.48 -2.01 -16.76
CA LEU A 192 -18.40 -3.08 -17.16
C LEU A 192 -19.89 -2.66 -17.21
N ASP A 193 -20.64 -2.86 -18.31
CA ASP A 193 -22.04 -3.31 -18.14
C ASP A 193 -22.40 -4.39 -19.07
N PRO A 194 -23.27 -5.18 -18.48
CA PRO A 194 -23.76 -4.90 -17.12
C PRO A 194 -22.70 -4.98 -15.99
N TYR A 195 -22.67 -4.02 -15.09
CA TYR A 195 -21.81 -4.18 -13.90
C TYR A 195 -22.30 -5.25 -12.97
N PRO A 196 -21.46 -6.19 -12.58
CA PRO A 196 -21.91 -7.32 -11.70
C PRO A 196 -22.28 -6.85 -10.31
N GLU A 197 -23.52 -7.04 -10.01
CA GLU A 197 -24.09 -6.55 -8.79
C GLU A 197 -23.47 -7.14 -7.50
N ALA A 198 -23.03 -8.38 -7.52
CA ALA A 198 -22.40 -9.02 -6.38
C ALA A 198 -21.07 -8.42 -6.05
N ALA A 199 -20.43 -7.74 -7.02
CA ALA A 199 -19.23 -6.91 -6.75
C ALA A 199 -19.45 -5.53 -6.08
N ILE A 200 -20.68 -5.11 -5.91
CA ILE A 200 -20.94 -3.85 -5.19
C ILE A 200 -21.45 -4.13 -3.79
N LYS A 201 -20.88 -3.46 -2.77
CA LYS A 201 -21.40 -3.50 -1.42
C LYS A 201 -22.07 -2.20 -1.14
N THR A 202 -23.04 -2.22 -0.23
CA THR A 202 -23.71 -0.98 0.21
C THR A 202 -23.35 -0.66 1.65
N ALA A 203 -22.87 0.59 1.91
CA ALA A 203 -22.53 1.04 3.24
C ALA A 203 -23.78 1.28 4.11
N ALA A 204 -23.55 1.59 5.37
CA ALA A 204 -24.61 1.87 6.29
C ALA A 204 -25.28 3.16 5.92
N ASP A 205 -24.54 4.08 5.25
CA ASP A 205 -25.12 5.31 4.72
C ASP A 205 -25.68 5.21 3.29
N GLY A 206 -25.69 4.05 2.71
CA GLY A 206 -26.28 3.93 1.40
C GLY A 206 -25.25 4.00 0.28
N THR A 207 -24.02 4.42 0.58
CA THR A 207 -23.03 4.59 -0.48
C THR A 207 -22.69 3.25 -1.08
N LYS A 208 -22.77 3.12 -2.39
CA LYS A 208 -22.19 1.99 -3.06
C LYS A 208 -20.67 1.88 -3.06
N LEU A 209 -20.13 0.70 -2.73
CA LEU A 209 -18.69 0.45 -2.57
C LEU A 209 -18.14 -0.68 -3.39
N SER A 210 -16.91 -0.52 -3.81
CA SER A 210 -16.09 -1.66 -4.29
C SER A 210 -15.26 -2.32 -3.22
N PHE A 211 -14.92 -1.63 -2.14
CA PHE A 211 -14.21 -2.24 -1.02
C PHE A 211 -14.58 -1.48 0.26
N GLU A 212 -14.93 -2.24 1.29
CA GLU A 212 -15.51 -1.70 2.52
C GLU A 212 -14.44 -1.07 3.40
N TRP A 213 -14.92 -0.38 4.41
CA TRP A 213 -14.08 0.25 5.40
C TRP A 213 -13.07 -0.71 5.97
N HIS A 214 -11.91 -0.16 6.30
CA HIS A 214 -10.72 -0.88 6.80
C HIS A 214 -9.61 0.11 7.24
N GLU A 215 -8.65 -0.42 8.02
CA GLU A 215 -7.40 0.28 8.24
C GLU A 215 -6.39 -0.48 7.44
N ASP A 216 -5.42 0.22 6.89
CA ASP A 216 -4.35 -0.51 6.21
C ASP A 216 -3.46 -1.37 7.14
N VAL A 217 -3.03 -2.53 6.61
CA VAL A 217 -1.98 -3.35 7.18
C VAL A 217 -0.63 -2.97 6.53
N SER A 218 0.10 -2.08 7.26
CA SER A 218 1.34 -1.46 6.80
C SER A 218 1.87 -0.55 7.89
N LEU A 219 3.12 -0.12 7.71
CA LEU A 219 3.66 0.97 8.47
C LEU A 219 3.05 2.26 7.90
N ILE A 220 3.35 2.50 6.63
CA ILE A 220 2.64 3.45 5.79
C ILE A 220 2.27 2.80 4.45
N THR A 221 1.39 3.49 3.72
CA THR A 221 0.99 3.11 2.38
C THR A 221 1.25 4.19 1.42
N VAL A 222 1.86 3.86 0.28
CA VAL A 222 2.31 4.83 -0.72
C VAL A 222 1.59 4.46 -2.06
N LEU A 223 0.59 5.24 -2.43
CA LEU A 223 -0.39 4.85 -3.43
C LEU A 223 -0.52 5.73 -4.63
N TYR A 224 -0.32 5.15 -5.81
CA TYR A 224 -0.66 5.86 -7.06
C TYR A 224 -2.04 5.39 -7.52
N GLN A 225 -2.88 6.31 -7.97
CA GLN A 225 -4.20 6.02 -8.51
C GLN A 225 -4.44 6.91 -9.75
N SER A 226 -5.18 6.37 -10.76
CA SER A 226 -5.62 7.16 -11.91
C SER A 226 -6.51 8.31 -11.51
N ASN A 227 -6.80 9.24 -12.42
CA ASN A 227 -7.54 10.41 -11.99
C ASN A 227 -9.02 10.16 -11.77
N VAL A 228 -9.50 8.96 -11.50
CA VAL A 228 -10.92 8.75 -11.13
C VAL A 228 -11.17 8.78 -9.61
N GLN A 229 -12.09 9.68 -9.17
CA GLN A 229 -12.34 9.87 -7.73
C GLN A 229 -13.09 8.72 -7.14
N ASN A 230 -12.58 8.16 -6.03
CA ASN A 230 -13.14 6.93 -5.47
C ASN A 230 -12.93 6.80 -3.96
N LEU A 231 -11.82 7.36 -3.40
CA LEU A 231 -11.53 7.09 -2.01
C LEU A 231 -12.30 8.05 -1.08
N GLN A 232 -12.80 7.51 0.03
CA GLN A 232 -13.35 8.24 1.14
C GLN A 232 -12.63 7.83 2.44
N VAL A 233 -12.31 8.81 3.28
CA VAL A 233 -11.83 8.66 4.67
C VAL A 233 -12.93 8.98 5.69
N GLU A 234 -12.93 8.28 6.80
CA GLU A 234 -13.85 8.54 7.88
C GLU A 234 -13.20 9.57 8.77
N THR A 235 -13.96 10.64 9.08
CA THR A 235 -13.54 11.66 10.05
C THR A 235 -14.63 11.82 11.14
N ALA A 236 -14.28 12.59 12.18
CA ALA A 236 -15.28 12.99 13.20
C ALA A 236 -16.59 13.48 12.59
N ALA A 237 -16.47 14.17 11.46
CA ALA A 237 -17.62 14.75 10.73
C ALA A 237 -18.26 13.81 9.65
N GLY A 238 -17.76 12.59 9.51
CA GLY A 238 -18.38 11.60 8.62
C GLY A 238 -17.44 11.28 7.50
N TYR A 239 -17.93 10.54 6.53
CA TYR A 239 -17.02 10.17 5.43
C TYR A 239 -16.79 11.32 4.44
N GLN A 240 -15.53 11.55 4.05
CA GLN A 240 -15.21 12.59 3.08
C GLN A 240 -14.49 12.04 1.84
N ASP A 241 -14.67 12.74 0.76
CA ASP A 241 -14.11 12.36 -0.51
C ASP A 241 -12.66 12.75 -0.58
N ILE A 242 -11.81 11.81 -0.94
CA ILE A 242 -10.44 12.16 -1.26
C ILE A 242 -10.33 12.43 -2.73
N GLU A 243 -9.93 13.64 -3.03
CA GLU A 243 -9.80 13.99 -4.44
C GLU A 243 -8.59 13.26 -5.07
N ALA A 244 -8.68 12.91 -6.35
CA ALA A 244 -7.64 12.19 -7.10
C ALA A 244 -6.58 13.16 -7.53
N ASP A 245 -5.37 12.68 -7.70
CA ASP A 245 -4.30 13.49 -8.27
C ASP A 245 -3.32 12.47 -8.86
N ASP A 246 -3.47 12.23 -10.17
CA ASP A 246 -2.57 11.28 -10.82
C ASP A 246 -1.14 11.80 -11.02
N THR A 247 -0.77 12.98 -10.46
CA THR A 247 0.68 13.38 -10.45
C THR A 247 1.39 13.06 -9.12
N GLY A 248 0.58 12.65 -8.14
CA GLY A 248 1.06 12.43 -6.80
C GLY A 248 0.89 11.04 -6.22
N TYR A 249 1.50 10.87 -5.05
CA TYR A 249 1.39 9.63 -4.28
C TYR A 249 0.59 9.95 -3.03
N LEU A 250 -0.53 9.26 -2.87
CA LEU A 250 -1.36 9.45 -1.71
C LEU A 250 -0.66 8.63 -0.62
N ILE A 251 -0.45 9.22 0.55
CA ILE A 251 0.23 8.55 1.64
C ILE A 251 -0.67 8.48 2.85
N ASN A 252 -0.56 7.38 3.59
CA ASN A 252 -1.20 7.27 4.91
C ASN A 252 -0.58 6.21 5.78
N CYS A 253 -0.82 6.34 7.08
CA CYS A 253 -0.29 5.42 8.05
C CYS A 253 -1.16 4.22 8.00
N GLY A 254 -0.51 3.07 8.22
CA GLY A 254 -1.23 1.86 8.57
C GLY A 254 -1.27 1.53 10.02
N SER A 255 -1.85 0.37 10.38
CA SER A 255 -2.07 0.07 11.81
C SER A 255 -0.79 -0.18 12.62
N TYR A 256 0.32 -0.47 11.93
CA TYR A 256 1.60 -0.61 12.66
C TYR A 256 2.19 0.72 13.15
N MET A 257 2.00 1.76 12.37
CA MET A 257 2.44 3.07 12.89
C MET A 257 1.60 3.42 14.11
N ALA A 258 0.33 3.01 14.12
CA ALA A 258 -0.53 3.39 15.23
C ALA A 258 -0.10 2.65 16.44
N HIS A 259 0.20 1.38 16.27
CA HIS A 259 0.82 0.57 17.32
C HIS A 259 2.13 1.23 17.89
N LEU A 260 3.08 1.53 16.99
CA LEU A 260 4.38 2.15 17.38
C LEU A 260 4.22 3.49 18.05
N THR A 261 3.15 4.24 17.77
CA THR A 261 2.90 5.56 18.42
C THR A 261 1.78 5.65 19.42
N ASN A 262 1.29 4.50 19.89
CA ASN A 262 0.17 4.52 20.81
C ASN A 262 -1.00 5.33 20.25
N ASN A 263 -1.30 5.14 18.97
CA ASN A 263 -2.45 5.78 18.34
C ASN A 263 -2.31 7.30 18.16
N TYR A 264 -1.08 7.78 18.33
CA TYR A 264 -0.85 9.15 18.16
C TYR A 264 -0.97 9.49 16.67
N TYR A 265 -0.29 8.72 15.82
CA TYR A 265 -0.60 8.74 14.37
C TYR A 265 -1.49 7.56 14.14
N LYS A 266 -2.76 7.85 14.02
CA LYS A 266 -3.80 6.85 13.76
C LYS A 266 -3.73 6.32 12.37
N ALA A 267 -4.18 5.08 12.25
CA ALA A 267 -4.41 4.52 10.91
C ALA A 267 -5.85 4.88 10.42
N PRO A 268 -5.95 5.81 9.48
CA PRO A 268 -7.25 6.33 9.09
C PRO A 268 -8.10 5.23 8.45
N ILE A 269 -9.38 5.25 8.81
CA ILE A 269 -10.32 4.33 8.30
C ILE A 269 -10.78 4.92 6.97
N HIS A 270 -10.75 4.09 5.95
CA HIS A 270 -11.10 4.52 4.65
C HIS A 270 -11.78 3.34 3.88
N ARG A 271 -12.31 3.67 2.71
CA ARG A 271 -13.05 2.72 1.86
C ARG A 271 -13.04 3.21 0.41
N VAL A 272 -13.49 2.39 -0.50
CA VAL A 272 -13.43 2.68 -1.91
C VAL A 272 -14.89 2.68 -2.46
N LYS A 273 -15.37 3.83 -2.95
CA LYS A 273 -16.61 3.91 -3.67
C LYS A 273 -16.61 3.05 -4.96
N TRP A 274 -17.82 2.62 -5.29
CA TRP A 274 -18.03 1.95 -6.54
C TRP A 274 -18.19 3.09 -7.53
N VAL A 275 -17.34 3.00 -8.53
CA VAL A 275 -17.48 3.86 -9.70
C VAL A 275 -17.19 3.06 -10.97
N ASN A 276 -18.13 3.15 -11.92
CA ASN A 276 -18.07 2.28 -13.10
C ASN A 276 -17.15 2.87 -14.15
N ALA A 277 -15.84 2.71 -13.98
CA ALA A 277 -14.85 3.35 -14.84
C ALA A 277 -13.56 2.62 -14.75
N GLU A 278 -12.87 2.62 -15.88
CA GLU A 278 -11.63 1.94 -15.99
C GLU A 278 -10.60 2.78 -15.24
N ARG A 279 -9.93 2.13 -14.32
CA ARG A 279 -9.01 2.80 -13.47
C ARG A 279 -8.01 1.82 -12.85
N GLN A 280 -6.97 2.44 -12.27
CA GLN A 280 -5.83 1.71 -11.71
C GLN A 280 -5.64 2.12 -10.29
N SER A 281 -5.36 1.15 -9.41
CA SER A 281 -4.94 1.45 -8.03
C SER A 281 -3.62 0.68 -7.84
N LEU A 282 -2.53 1.39 -7.60
CA LEU A 282 -1.23 0.74 -7.47
C LEU A 282 -0.58 1.09 -6.13
N PRO A 283 -0.94 0.39 -5.10
CA PRO A 283 -0.35 0.61 -3.81
C PRO A 283 1.03 -0.04 -3.67
N PHE A 284 1.89 0.62 -2.89
CA PHE A 284 3.07 0.00 -2.29
C PHE A 284 2.85 0.00 -0.78
N PHE A 285 2.74 -1.20 -0.18
CA PHE A 285 2.62 -1.36 1.27
C PHE A 285 4.01 -1.38 1.90
N VAL A 286 4.31 -0.36 2.72
CA VAL A 286 5.64 -0.24 3.32
C VAL A 286 5.67 -1.08 4.53
N ASN A 287 6.34 -2.21 4.43
CA ASN A 287 6.43 -3.16 5.52
C ASN A 287 7.95 -3.35 5.81
N LEU A 288 8.23 -3.64 7.07
CA LEU A 288 9.58 -3.79 7.56
C LEU A 288 9.97 -5.29 7.46
N GLY A 289 11.11 -5.67 7.98
CA GLY A 289 11.53 -7.04 7.92
C GLY A 289 10.85 -7.90 8.95
N TYR A 290 10.89 -9.21 8.70
CA TYR A 290 10.19 -10.18 9.52
C TYR A 290 10.41 -10.12 11.01
N ASP A 291 11.61 -9.77 11.43
CA ASP A 291 11.97 -9.73 12.83
C ASP A 291 12.12 -8.32 13.39
N SER A 292 11.66 -7.32 12.68
CA SER A 292 11.75 -5.95 13.14
C SER A 292 10.80 -5.78 14.31
N VAL A 293 11.31 -5.30 15.43
CA VAL A 293 10.51 -5.10 16.64
C VAL A 293 10.92 -3.86 17.39
N ILE A 294 10.61 -2.73 16.81
CA ILE A 294 10.68 -1.47 17.45
C ILE A 294 9.80 -1.39 18.76
N ASP A 295 10.38 -0.90 19.85
CA ASP A 295 9.64 -0.57 21.01
C ASP A 295 8.60 0.51 20.73
N PRO A 296 7.35 0.24 21.05
CA PRO A 296 6.34 1.27 21.00
C PRO A 296 6.72 2.41 21.91
N PHE A 297 6.45 3.61 21.43
CA PHE A 297 6.61 4.82 22.21
C PHE A 297 5.30 5.68 22.19
N ASP A 298 5.37 6.79 22.90
CA ASP A 298 4.24 7.73 23.02
C ASP A 298 4.71 9.19 23.05
N PRO A 299 4.53 9.93 21.96
CA PRO A 299 5.01 11.31 21.87
C PRO A 299 4.09 12.39 22.56
N ARG A 300 3.05 11.83 23.22
CA ARG A 300 2.13 12.58 24.09
C ARG A 300 2.70 12.79 25.44
N GLU A 301 3.66 11.94 25.80
CA GLU A 301 4.11 11.85 27.18
C GLU A 301 5.43 12.54 27.32
N PRO A 302 5.60 13.42 28.34
CA PRO A 302 6.93 14.02 28.65
C PRO A 302 8.03 12.95 28.49
N ASN A 303 7.90 11.83 29.17
CA ASN A 303 8.92 10.77 29.10
C ASN A 303 8.94 9.92 27.78
N GLY A 304 7.91 9.99 26.92
CA GLY A 304 7.84 9.16 25.71
C GLY A 304 7.57 7.64 25.87
N LYS A 305 7.38 7.13 27.12
CA LYS A 305 7.12 5.71 27.43
C LYS A 305 5.72 5.25 27.02
N SER A 306 5.60 4.02 26.52
CA SER A 306 4.30 3.39 26.17
C SER A 306 4.03 2.11 26.94
N ASP A 307 2.74 1.80 27.25
CA ASP A 307 2.38 0.49 27.94
C ASP A 307 2.40 -0.63 26.83
N ARG A 308 2.14 -0.30 25.56
CA ARG A 308 2.14 -1.31 24.52
C ARG A 308 3.44 -2.13 24.46
N GLU A 309 3.23 -3.41 24.21
CA GLU A 309 4.30 -4.39 24.05
C GLU A 309 4.80 -4.37 22.60
N PRO A 310 6.06 -4.62 22.37
CA PRO A 310 6.56 -4.78 21.01
C PRO A 310 5.90 -5.95 20.26
N LEU A 311 5.82 -5.80 18.96
CA LEU A 311 5.18 -6.77 18.09
C LEU A 311 6.00 -6.92 16.82
N SER A 312 6.49 -8.13 16.56
CA SER A 312 7.43 -8.33 15.50
C SER A 312 6.65 -8.15 14.25
N TYR A 313 7.23 -7.47 13.29
CA TYR A 313 6.54 -7.11 12.07
C TYR A 313 5.93 -8.35 11.36
N GLY A 314 6.64 -9.43 11.31
CA GLY A 314 6.15 -10.62 10.56
C GLY A 314 4.82 -11.25 11.06
N ASP A 315 4.69 -11.35 12.38
CA ASP A 315 3.48 -11.80 13.03
C ASP A 315 2.41 -10.75 12.79
N TYR A 316 2.69 -9.48 13.06
CA TYR A 316 1.76 -8.45 12.68
C TYR A 316 1.20 -8.64 11.28
N LEU A 317 2.09 -8.83 10.31
CA LEU A 317 1.67 -8.82 8.89
C LEU A 317 0.88 -10.04 8.45
N GLN A 318 1.30 -11.19 8.95
CA GLN A 318 0.70 -12.47 8.59
C GLN A 318 -0.76 -12.49 9.10
N ASN A 319 -0.92 -12.17 10.38
CA ASN A 319 -2.22 -12.02 11.01
C ASN A 319 -3.19 -10.90 10.41
N GLY A 320 -2.56 -9.77 10.05
CA GLY A 320 -3.27 -8.62 9.53
C GLY A 320 -3.80 -8.90 8.12
N LEU A 321 -2.98 -9.56 7.33
CA LEU A 321 -3.38 -9.86 5.95
C LEU A 321 -4.55 -10.83 5.95
N VAL A 322 -4.42 -11.89 6.77
CA VAL A 322 -5.49 -12.85 6.95
C VAL A 322 -6.77 -12.19 7.48
N SER A 323 -6.67 -11.34 8.50
CA SER A 323 -7.87 -10.66 9.00
C SER A 323 -8.56 -9.71 7.98
N LEU A 324 -7.77 -9.11 7.09
CA LEU A 324 -8.28 -8.16 6.10
C LEU A 324 -9.16 -8.98 5.10
N ILE A 325 -8.66 -10.18 4.76
CA ILE A 325 -9.38 -11.05 3.86
C ILE A 325 -10.69 -11.50 4.54
N ASN A 326 -10.62 -11.73 5.85
CA ASN A 326 -11.84 -12.25 6.55
C ASN A 326 -12.92 -11.19 6.71
N LYS A 327 -12.49 -9.95 7.00
CA LYS A 327 -13.36 -8.80 7.17
C LYS A 327 -13.92 -8.43 5.78
N ASN A 328 -13.05 -8.25 4.80
CA ASN A 328 -13.45 -7.57 3.58
C ASN A 328 -13.43 -8.43 2.32
N GLY A 329 -13.23 -9.76 2.44
CA GLY A 329 -13.26 -10.71 1.33
C GLY A 329 -11.92 -10.90 0.61
N GLN A 330 -11.74 -12.09 0.04
CA GLN A 330 -10.63 -12.35 -0.86
C GLN A 330 -10.61 -11.44 -2.07
N THR A 331 -9.49 -10.81 -2.37
CA THR A 331 -9.45 -9.90 -3.55
C THR A 331 -8.93 -10.64 -4.81
C1 W05 B . 0.43 -8.34 0.15
C2 W05 B . -0.87 -7.87 -0.57
C3 W05 B . -1.69 -7.15 0.51
C4 W05 B . -3.05 -6.71 -0.03
C7 W05 B . -3.96 -5.97 0.97
C10 W05 B . -5.28 -5.42 0.32
N11 W05 B . -5.44 -4.13 0.34
C12 W05 B . -6.60 -3.37 -0.02
C13 W05 B . -6.51 -2.69 -1.36
N14 W05 B . -1.57 -9.00 -1.20
O15 W05 B . -6.10 -6.17 -0.19
C16 W05 B . -6.90 -2.43 1.09
S17 W05 B . -5.52 -1.35 1.66
O18 W05 B . -7.08 -3.27 -2.35
O19 W05 B . 0.70 -9.57 0.17
O20 W05 B . 1.16 -7.45 0.65
N29 W05 B . -5.91 -1.50 -1.39
C30 W05 B . -5.99 -0.54 -2.56
C31 W05 B . -7.44 -0.18 -3.03
C32 W05 B . -5.17 0.78 -2.25
O42 W05 B . -8.32 -0.42 -2.16
O43 W05 B . -7.61 0.27 -4.23
FE FE2 C . -6.45 0.81 2.16
S SO4 D . 13.04 -15.32 13.53
O1 SO4 D . 14.27 -14.61 13.17
O2 SO4 D . 12.94 -16.61 12.82
O3 SO4 D . 11.93 -14.38 13.29
O4 SO4 D . 13.01 -15.60 14.96
#